data_7NNB
#
_entry.id   7NNB
#
_cell.length_a   173.877
_cell.length_b   173.877
_cell.length_c   71.906
_cell.angle_alpha   90.000
_cell.angle_beta   90.000
_cell.angle_gamma   120.000
#
_symmetry.space_group_name_H-M   'H 3 2'
#
loop_
_entity.id
_entity.type
_entity.pdbx_description
1 polymer 'Acetylglutamate kinase'
2 non-polymer 2,8-bis(trifluoromethyl)quinolin-4-ol
3 non-polymer 1,2-ETHANEDIOL
4 non-polymer 'SULFATE ION'
5 water water
#
_entity_poly.entity_id   1
_entity_poly.type   'polypeptide(L)'
_entity_poly.pdbx_seq_one_letter_code
;GSMVSRIEALPTHIKAQVLAEALPWLKQLHGKVVVVKYGGNAMTDDTLRRAFAADMAFLRNCGIHPVVVHGGGPQITAML
RRLGIEGDFKGGFRVTTPEVLDVARMVLFGQVGRELVNLINAHGPYAVGITGEDAQLFTAVRRSVTVDGVATDIGLVGDV
DQVNTAAMLDLVAAGRIPVVSTLAPDADGVVHNINADTAAAAVAEALGAEKLLMLTDIDGLYTRWPDRDSLVSEIDTGTL
AQLLPTLESGMVPKVEACLRAVIGGVPSAHIIDGRVTHCVLVELFTDAGTGTKVVRG
;
_entity_poly.pdbx_strand_id   A
#
# COMPACT_ATOMS: atom_id res chain seq x y z
N ILE A 7 22.42 18.89 1.90
CA ILE A 7 23.47 17.89 2.08
C ILE A 7 24.76 18.37 1.42
N GLU A 8 25.05 19.66 1.57
CA GLU A 8 26.23 20.25 0.94
C GLU A 8 27.35 20.45 1.96
N ALA A 9 27.10 21.25 3.00
CA ALA A 9 28.10 21.53 4.03
C ALA A 9 28.41 20.32 4.91
N LEU A 10 27.76 19.20 4.68
CA LEU A 10 27.89 18.02 5.52
C LEU A 10 29.21 17.31 5.23
N PRO A 11 30.05 17.07 6.24
CA PRO A 11 31.36 16.46 6.00
C PRO A 11 31.26 15.12 5.28
N THR A 12 32.25 14.88 4.41
CA THR A 12 32.22 13.72 3.53
C THR A 12 32.26 12.42 4.32
N HIS A 13 33.09 12.36 5.36
CA HIS A 13 33.26 11.13 6.13
C HIS A 13 31.96 10.70 6.81
N ILE A 14 31.04 11.64 7.06
CA ILE A 14 29.72 11.29 7.59
C ILE A 14 28.75 10.91 6.47
N LYS A 15 28.92 11.50 5.27
CA LYS A 15 28.21 10.96 4.11
C LYS A 15 28.59 9.51 3.86
N ALA A 16 29.87 9.22 3.99
CA ALA A 16 30.33 7.83 3.75
C ALA A 16 29.66 6.91 4.77
N GLN A 17 29.53 7.36 6.01
CA GLN A 17 28.97 6.48 7.08
C GLN A 17 27.49 6.24 6.81
N VAL A 18 26.78 7.27 6.33
CA VAL A 18 25.33 7.12 6.05
C VAL A 18 25.16 6.05 4.97
N LEU A 19 25.97 6.13 3.93
CA LEU A 19 25.87 5.16 2.81
C LEU A 19 26.25 3.76 3.31
N ALA A 20 27.25 3.67 4.18
CA ALA A 20 27.73 2.35 4.64
C ALA A 20 26.74 1.71 5.60
N GLU A 21 25.99 2.51 6.34
CA GLU A 21 25.07 1.94 7.37
C GLU A 21 23.89 1.28 6.69
N ALA A 22 23.82 1.37 5.37
CA ALA A 22 22.73 0.83 4.60
C ALA A 22 22.95 -0.63 4.34
N LEU A 23 24.21 -1.01 4.25
CA LEU A 23 24.59 -2.37 3.95
C LEU A 23 23.76 -3.51 4.48
N PRO A 24 23.56 -3.58 5.77
CA PRO A 24 22.83 -4.78 6.24
C PRO A 24 21.42 -4.89 5.68
N TRP A 25 20.75 -3.77 5.42
CA TRP A 25 19.43 -3.86 4.82
C TRP A 25 19.48 -4.11 3.31
N LEU A 26 20.49 -3.58 2.62
CA LEU A 26 20.73 -3.97 1.24
C LEU A 26 20.87 -5.49 1.12
N LYS A 27 21.55 -6.10 2.09
CA LYS A 27 21.73 -7.56 2.07
C LYS A 27 20.43 -8.27 2.41
N GLN A 28 19.62 -7.69 3.30
CA GLN A 28 18.38 -8.33 3.69
C GLN A 28 17.36 -8.34 2.54
N LEU A 29 17.36 -7.31 1.72
CA LEU A 29 16.31 -7.15 0.71
C LEU A 29 16.75 -7.50 -0.70
N HIS A 30 18.05 -7.71 -0.94
CA HIS A 30 18.54 -7.97 -2.29
C HIS A 30 17.81 -9.16 -2.89
N GLY A 31 17.28 -8.98 -4.09
CA GLY A 31 16.51 -10.02 -4.74
C GLY A 31 15.19 -10.35 -4.09
N LYS A 32 14.68 -9.50 -3.19
CA LYS A 32 13.46 -9.79 -2.46
C LYS A 32 12.33 -8.88 -2.91
N VAL A 33 11.10 -9.36 -2.72
CA VAL A 33 9.89 -8.60 -3.01
C VAL A 33 9.53 -7.73 -1.82
N VAL A 34 9.27 -6.45 -2.07
CA VAL A 34 8.78 -5.49 -1.06
C VAL A 34 7.52 -4.87 -1.61
N VAL A 35 6.40 -5.10 -0.94
CA VAL A 35 5.13 -4.51 -1.38
C VAL A 35 4.92 -3.22 -0.62
N VAL A 36 4.51 -2.18 -1.35
CA VAL A 36 4.35 -0.84 -0.78
C VAL A 36 2.93 -0.35 -1.06
N LYS A 37 2.16 -0.10 0.01
CA LYS A 37 0.91 0.64 -0.10
C LYS A 37 1.26 2.13 -0.14
N TYR A 38 0.82 2.78 -1.19
CA TYR A 38 1.08 4.18 -1.46
C TYR A 38 -0.26 4.90 -1.41
N GLY A 39 -0.33 5.96 -0.62
CA GLY A 39 -1.56 6.72 -0.44
C GLY A 39 -1.31 7.87 0.51
N GLY A 40 -2.39 8.55 0.91
CA GLY A 40 -2.20 9.71 1.77
C GLY A 40 -1.46 10.85 1.08
N ASN A 41 -0.86 11.72 1.91
CA ASN A 41 -0.17 12.91 1.39
C ASN A 41 0.97 12.54 0.46
N ALA A 42 1.66 11.42 0.72
CA ALA A 42 2.75 10.99 -0.17
C ALA A 42 2.30 10.90 -1.61
N MET A 43 0.99 10.91 -1.85
CA MET A 43 0.40 10.85 -3.19
C MET A 43 -0.01 12.20 -3.73
N THR A 44 -0.30 13.17 -2.86
CA THR A 44 -0.89 14.42 -3.27
C THR A 44 0.10 15.58 -3.38
N ASP A 45 1.19 15.59 -2.61
CA ASP A 45 2.17 16.65 -2.73
C ASP A 45 3.25 16.25 -3.71
N ASP A 46 3.66 17.19 -4.55
CA ASP A 46 4.48 16.84 -5.70
C ASP A 46 5.92 16.50 -5.32
N THR A 47 6.46 17.14 -4.29
CA THR A 47 7.81 16.77 -3.86
C THR A 47 7.81 15.37 -3.26
N LEU A 48 6.78 15.03 -2.47
CA LEU A 48 6.72 13.71 -1.85
C LEU A 48 6.47 12.62 -2.89
N ARG A 49 5.57 12.86 -3.83
CA ARG A 49 5.35 11.86 -4.85
C ARG A 49 6.59 11.69 -5.73
N ARG A 50 7.23 12.80 -6.13
CA ARG A 50 8.43 12.65 -6.97
C ARG A 50 9.50 11.84 -6.25
N ALA A 51 9.64 12.06 -4.93
CA ALA A 51 10.62 11.31 -4.16
C ALA A 51 10.18 9.86 -3.97
N PHE A 52 8.87 9.62 -3.81
CA PHE A 52 8.40 8.24 -3.76
C PHE A 52 8.77 7.51 -5.04
N ALA A 53 8.59 8.17 -6.20
CA ALA A 53 8.93 7.55 -7.47
C ALA A 53 10.43 7.25 -7.54
N ALA A 54 11.26 8.22 -7.17
CA ALA A 54 12.71 8.02 -7.21
C ALA A 54 13.11 6.88 -6.30
N ASP A 55 12.44 6.75 -5.16
CA ASP A 55 12.75 5.67 -4.23
C ASP A 55 12.41 4.30 -4.82
N MET A 56 11.30 4.20 -5.56
CA MET A 56 11.03 2.96 -6.29
C MET A 56 12.13 2.67 -7.29
N ALA A 57 12.57 3.69 -8.03
CA ALA A 57 13.71 3.52 -8.94
C ALA A 57 14.96 3.04 -8.19
N PHE A 58 15.16 3.56 -6.98
CA PHE A 58 16.27 3.16 -6.10
C PHE A 58 16.22 1.68 -5.79
N LEU A 59 15.10 1.21 -5.23
CA LEU A 59 14.97 -0.21 -4.92
C LEU A 59 15.28 -1.06 -6.14
N ARG A 60 14.74 -0.67 -7.30
CA ARG A 60 14.96 -1.43 -8.52
C ARG A 60 16.44 -1.41 -8.94
N ASN A 61 17.12 -0.30 -8.72
CA ASN A 61 18.51 -0.21 -9.13
C ASN A 61 19.46 -0.71 -8.05
N CYS A 62 18.92 -1.28 -6.97
CA CYS A 62 19.65 -2.13 -6.05
C CYS A 62 19.30 -3.61 -6.22
N GLY A 63 18.61 -3.99 -7.29
CA GLY A 63 18.24 -5.38 -7.45
C GLY A 63 17.19 -5.84 -6.46
N ILE A 64 16.39 -4.89 -5.91
CA ILE A 64 15.25 -5.17 -5.07
C ILE A 64 14.02 -5.18 -5.96
N HIS A 65 12.94 -5.80 -5.51
CA HIS A 65 11.74 -5.97 -6.34
C HIS A 65 10.54 -5.29 -5.70
N PRO A 66 10.42 -3.96 -5.86
CA PRO A 66 9.24 -3.26 -5.31
C PRO A 66 7.96 -3.59 -6.07
N VAL A 67 6.86 -3.73 -5.33
CA VAL A 67 5.53 -3.79 -5.91
C VAL A 67 4.68 -2.70 -5.25
N VAL A 68 4.04 -1.87 -6.06
CA VAL A 68 3.31 -0.70 -5.57
C VAL A 68 1.82 -0.96 -5.69
N VAL A 69 1.10 -0.87 -4.57
CA VAL A 69 -0.36 -0.91 -4.54
C VAL A 69 -0.87 0.46 -4.15
N HIS A 70 -1.82 1.02 -4.91
CA HIS A 70 -2.31 2.36 -4.64
C HIS A 70 -3.81 2.40 -4.44
N GLY A 71 -4.25 3.34 -3.61
CA GLY A 71 -5.66 3.67 -3.49
C GLY A 71 -5.98 4.97 -4.18
N GLY A 72 -7.04 5.65 -3.74
CA GLY A 72 -7.47 6.86 -4.41
C GLY A 72 -8.92 7.20 -4.15
N GLY A 73 -9.39 6.91 -2.95
CA GLY A 73 -10.72 7.26 -2.51
C GLY A 73 -11.18 8.67 -2.84
N PRO A 74 -10.40 9.69 -2.44
CA PRO A 74 -10.88 11.07 -2.66
C PRO A 74 -10.97 11.45 -4.12
N GLN A 75 -10.11 10.90 -4.97
CA GLN A 75 -10.18 11.21 -6.40
C GLN A 75 -11.44 10.63 -7.02
N ILE A 76 -11.88 9.47 -6.52
CA ILE A 76 -13.11 8.88 -7.01
C ILE A 76 -14.30 9.78 -6.69
N THR A 77 -14.45 10.18 -5.41
CA THR A 77 -15.62 10.99 -5.08
C THR A 77 -15.61 12.30 -5.86
N ALA A 78 -14.46 12.93 -6.02
CA ALA A 78 -14.40 14.14 -6.83
C ALA A 78 -14.90 13.89 -8.25
N MET A 79 -14.46 12.79 -8.89
CA MET A 79 -14.94 12.50 -10.23
C MET A 79 -16.45 12.25 -10.25
N LEU A 80 -16.96 11.52 -9.24
CA LEU A 80 -18.39 11.26 -9.15
C LEU A 80 -19.18 12.56 -9.01
N ARG A 81 -18.64 13.51 -8.25
CA ARG A 81 -19.28 14.81 -8.10
C ARG A 81 -19.22 15.58 -9.41
N ARG A 82 -18.09 15.50 -10.13
CA ARG A 82 -18.00 16.15 -11.43
C ARG A 82 -19.05 15.61 -12.40
N LEU A 83 -19.31 14.32 -12.34
CA LEU A 83 -20.24 13.66 -13.25
C LEU A 83 -21.67 13.74 -12.77
N GLY A 84 -21.92 14.35 -11.61
CA GLY A 84 -23.27 14.46 -11.11
C GLY A 84 -23.88 13.14 -10.73
N ILE A 85 -23.06 12.18 -10.29
CA ILE A 85 -23.55 10.85 -9.93
C ILE A 85 -23.99 10.90 -8.47
N GLU A 86 -25.30 10.85 -8.23
CA GLU A 86 -25.80 10.90 -6.87
C GLU A 86 -25.45 9.61 -6.16
N GLY A 87 -24.90 9.72 -4.95
CA GLY A 87 -24.43 8.57 -4.21
C GLY A 87 -25.50 8.07 -3.25
N ASP A 88 -25.44 6.78 -2.95
CA ASP A 88 -26.24 6.17 -1.91
C ASP A 88 -25.32 5.67 -0.82
N PHE A 89 -25.71 5.89 0.44
CA PHE A 89 -24.81 5.66 1.56
C PHE A 89 -25.50 4.82 2.62
N LYS A 90 -24.82 3.75 3.03
CA LYS A 90 -25.21 2.94 4.18
C LYS A 90 -24.08 3.02 5.19
N GLY A 91 -24.41 3.45 6.40
CA GLY A 91 -23.37 3.79 7.36
C GLY A 91 -22.52 4.89 6.77
N GLY A 92 -21.21 4.75 6.86
CA GLY A 92 -20.34 5.70 6.20
C GLY A 92 -19.90 5.32 4.81
N PHE A 93 -20.48 4.27 4.21
CA PHE A 93 -20.02 3.71 2.95
C PHE A 93 -20.91 4.14 1.79
N ARG A 94 -20.29 4.54 0.69
CA ARG A 94 -21.00 4.68 -0.58
C ARG A 94 -21.27 3.31 -1.17
N VAL A 95 -22.48 3.11 -1.67
CA VAL A 95 -22.82 1.84 -2.33
C VAL A 95 -22.21 1.84 -3.73
N THR A 96 -21.43 0.81 -4.03
CA THR A 96 -20.71 0.76 -5.30
C THR A 96 -21.62 0.06 -6.33
N THR A 97 -22.44 0.86 -6.98
CA THR A 97 -23.29 0.42 -8.09
C THR A 97 -22.40 0.11 -9.29
N PRO A 98 -22.94 -0.58 -10.33
CA PRO A 98 -22.14 -0.77 -11.55
C PRO A 98 -21.59 0.51 -12.12
N GLU A 99 -22.35 1.60 -12.00
CA GLU A 99 -21.89 2.91 -12.47
C GLU A 99 -20.74 3.46 -11.62
N VAL A 100 -20.80 3.33 -10.31
CA VAL A 100 -19.70 3.93 -9.49
C VAL A 100 -18.43 3.16 -9.84
N LEU A 101 -18.57 1.89 -10.20
CA LEU A 101 -17.35 1.09 -10.48
C LEU A 101 -16.71 1.54 -11.79
N ASP A 102 -17.51 1.69 -12.83
CA ASP A 102 -16.95 2.21 -14.10
C ASP A 102 -16.19 3.49 -13.76
N VAL A 103 -16.70 4.31 -12.84
CA VAL A 103 -15.98 5.51 -12.48
C VAL A 103 -14.75 5.15 -11.64
N ALA A 104 -14.95 4.36 -10.60
CA ALA A 104 -13.84 3.97 -9.74
C ALA A 104 -12.70 3.39 -10.57
N ARG A 105 -13.01 2.42 -11.43
CA ARG A 105 -11.97 1.77 -12.22
C ARG A 105 -11.26 2.79 -13.10
N MET A 106 -12.04 3.61 -13.78
CA MET A 106 -11.52 4.60 -14.67
C MET A 106 -10.59 5.60 -13.99
N VAL A 107 -10.92 5.99 -12.78
CA VAL A 107 -10.10 6.94 -12.02
C VAL A 107 -8.84 6.25 -11.45
N LEU A 108 -9.03 5.16 -10.72
CA LEU A 108 -7.88 4.43 -10.15
C LEU A 108 -6.87 4.07 -11.22
N PHE A 109 -7.30 3.38 -12.28
CA PHE A 109 -6.44 2.83 -13.31
C PHE A 109 -6.12 3.84 -14.41
N GLY A 110 -7.10 4.65 -14.84
CA GLY A 110 -6.83 5.53 -15.95
C GLY A 110 -6.31 6.89 -15.58
N GLN A 111 -6.22 7.20 -14.29
CA GLN A 111 -5.77 8.50 -13.82
C GLN A 111 -4.68 8.35 -12.76
N VAL A 112 -5.04 7.79 -11.59
CA VAL A 112 -4.12 7.77 -10.47
C VAL A 112 -2.92 6.86 -10.76
N GLY A 113 -3.17 5.66 -11.31
CA GLY A 113 -2.08 4.75 -11.64
C GLY A 113 -1.17 5.32 -12.71
N ARG A 114 -1.75 6.01 -13.68
CA ARG A 114 -0.94 6.56 -14.77
C ARG A 114 0.08 7.60 -14.29
N GLU A 115 -0.31 8.51 -13.37
CA GLU A 115 0.67 9.52 -12.97
C GLU A 115 1.84 8.90 -12.21
N LEU A 116 1.56 7.88 -11.40
CA LEU A 116 2.64 7.20 -10.70
C LEU A 116 3.55 6.44 -11.66
N VAL A 117 2.97 5.84 -12.68
CA VAL A 117 3.74 5.13 -13.67
C VAL A 117 4.66 6.09 -14.37
N ASN A 118 4.14 7.24 -14.74
CA ASN A 118 4.95 8.22 -15.44
C ASN A 118 6.01 8.84 -14.57
N LEU A 119 5.74 8.95 -13.30
CA LEU A 119 6.70 9.53 -12.38
C LEU A 119 7.84 8.56 -12.25
N ILE A 120 7.53 7.32 -11.93
CA ILE A 120 8.55 6.31 -11.79
C ILE A 120 9.33 6.21 -13.09
N ASN A 121 8.64 6.19 -14.20
CA ASN A 121 9.31 6.05 -15.48
C ASN A 121 10.14 7.19 -15.95
N ALA A 122 10.27 8.18 -15.10
CA ALA A 122 11.14 9.28 -15.42
C ALA A 122 12.57 8.82 -15.18
N HIS A 123 12.71 7.75 -14.42
CA HIS A 123 14.00 7.19 -14.08
C HIS A 123 14.37 6.00 -14.92
N GLY A 124 13.46 5.55 -15.77
CA GLY A 124 13.74 4.41 -16.60
C GLY A 124 12.52 3.61 -16.96
N PRO A 125 12.73 2.59 -17.89
CA PRO A 125 11.53 1.85 -18.26
C PRO A 125 11.08 0.83 -17.24
N TYR A 126 10.69 1.29 -16.07
CA TYR A 126 10.32 0.36 -15.03
C TYR A 126 8.88 0.04 -14.74
N ALA A 127 8.06 1.03 -14.48
CA ALA A 127 6.68 0.76 -14.11
C ALA A 127 5.72 0.22 -15.14
N VAL A 128 4.77 -0.55 -14.66
CA VAL A 128 3.76 -1.14 -15.49
C VAL A 128 2.49 -1.20 -14.67
N GLY A 129 1.41 -0.63 -15.18
CA GLY A 129 0.17 -0.64 -14.44
C GLY A 129 -0.70 -1.83 -14.69
N ILE A 130 -1.36 -2.32 -13.66
CA ILE A 130 -2.21 -3.46 -13.80
C ILE A 130 -3.35 -3.50 -12.80
N THR A 131 -4.33 -4.32 -13.11
CA THR A 131 -5.42 -4.53 -12.22
C THR A 131 -5.51 -6.02 -12.21
N GLY A 132 -6.43 -6.56 -11.45
CA GLY A 132 -6.58 -7.98 -11.41
C GLY A 132 -7.17 -8.48 -12.68
N GLU A 133 -7.64 -7.57 -13.51
CA GLU A 133 -8.26 -7.96 -14.75
C GLU A 133 -7.26 -8.39 -15.77
N ASP A 134 -6.10 -7.77 -15.74
CA ASP A 134 -5.04 -8.04 -16.71
C ASP A 134 -4.44 -9.41 -16.44
N ALA A 135 -4.40 -10.25 -17.49
CA ALA A 135 -3.88 -11.62 -17.40
C ALA A 135 -4.49 -12.42 -16.25
N GLN A 136 -5.66 -12.02 -15.75
CA GLN A 136 -6.30 -12.69 -14.60
C GLN A 136 -5.33 -12.75 -13.41
N LEU A 137 -4.63 -11.64 -13.17
CA LEU A 137 -3.57 -11.62 -12.17
C LEU A 137 -4.10 -11.82 -10.76
N PHE A 138 -5.29 -11.32 -10.45
CA PHE A 138 -5.93 -11.73 -9.20
C PHE A 138 -7.43 -11.59 -9.33
N THR A 139 -8.14 -12.40 -8.57
CA THR A 139 -9.58 -12.34 -8.53
C THR A 139 -10.08 -11.67 -7.26
N ALA A 140 -11.35 -11.31 -7.27
CA ALA A 140 -12.00 -10.71 -6.12
C ALA A 140 -13.16 -11.58 -5.66
N VAL A 141 -13.52 -11.43 -4.39
CA VAL A 141 -14.72 -12.02 -3.83
C VAL A 141 -15.50 -10.91 -3.12
N ARG A 142 -16.79 -10.79 -3.45
CA ARG A 142 -17.61 -9.74 -2.87
C ARG A 142 -17.55 -9.79 -1.36
N ARG A 143 -17.35 -8.62 -0.75
CA ARG A 143 -17.29 -8.49 0.70
C ARG A 143 -18.49 -7.69 1.18
N SER A 144 -18.91 -7.96 2.39
CA SER A 144 -19.85 -7.12 3.10
C SER A 144 -19.12 -6.32 4.17
N VAL A 145 -19.79 -5.29 4.66
CA VAL A 145 -19.30 -4.51 5.79
C VAL A 145 -20.38 -4.57 6.87
N THR A 146 -20.03 -4.09 8.06
CA THR A 146 -20.98 -4.16 9.17
C THR A 146 -21.31 -2.76 9.65
N VAL A 147 -22.60 -2.42 9.60
CA VAL A 147 -23.12 -1.15 10.09
C VAL A 147 -23.94 -1.46 11.34
N ASP A 148 -23.61 -0.81 12.45
CA ASP A 148 -24.30 -1.01 13.72
C ASP A 148 -24.41 -2.50 14.03
N GLY A 149 -23.32 -3.24 13.82
CA GLY A 149 -23.28 -4.65 14.13
C GLY A 149 -24.00 -5.58 13.17
N VAL A 150 -24.52 -5.06 12.06
CA VAL A 150 -25.21 -5.88 11.04
C VAL A 150 -24.34 -5.95 9.80
N ALA A 151 -24.10 -7.16 9.30
CA ALA A 151 -23.42 -7.31 8.03
C ALA A 151 -24.34 -6.86 6.90
N THR A 152 -23.83 -5.99 6.04
CA THR A 152 -24.67 -5.34 5.04
C THR A 152 -23.94 -5.25 3.71
N ASP A 153 -24.73 -5.23 2.64
CA ASP A 153 -24.21 -5.19 1.27
C ASP A 153 -24.08 -3.74 0.81
N ILE A 154 -22.92 -3.41 0.26
CA ILE A 154 -22.68 -2.09 -0.29
C ILE A 154 -22.16 -2.20 -1.72
N GLY A 155 -22.64 -3.19 -2.45
CA GLY A 155 -22.35 -3.26 -3.87
C GLY A 155 -21.07 -3.97 -4.22
N LEU A 156 -20.45 -3.54 -5.32
CA LEU A 156 -19.35 -4.26 -5.96
C LEU A 156 -18.01 -3.92 -5.31
N VAL A 157 -17.91 -4.24 -4.02
CA VAL A 157 -16.65 -4.15 -3.31
C VAL A 157 -16.31 -5.53 -2.80
N GLY A 158 -15.03 -5.82 -2.69
CA GLY A 158 -14.67 -7.14 -2.25
C GLY A 158 -13.25 -7.20 -1.74
N ASP A 159 -12.81 -8.43 -1.48
CA ASP A 159 -11.46 -8.73 -1.03
C ASP A 159 -10.72 -9.49 -2.11
N VAL A 160 -9.39 -9.37 -2.11
CA VAL A 160 -8.58 -10.19 -3.00
C VAL A 160 -8.87 -11.65 -2.71
N ASP A 161 -9.27 -12.41 -3.74
CA ASP A 161 -9.64 -13.82 -3.52
C ASP A 161 -8.44 -14.73 -3.73
N GLN A 162 -7.94 -14.84 -4.96
CA GLN A 162 -6.73 -15.58 -5.23
C GLN A 162 -5.83 -14.76 -6.14
N VAL A 163 -4.54 -15.06 -6.11
CA VAL A 163 -3.53 -14.25 -6.78
C VAL A 163 -2.73 -15.14 -7.72
N ASN A 164 -2.62 -14.72 -8.98
CA ASN A 164 -1.79 -15.40 -9.97
C ASN A 164 -0.33 -15.16 -9.60
N THR A 165 0.14 -15.89 -8.59
CA THR A 165 1.48 -15.68 -8.06
C THR A 165 2.55 -15.89 -9.12
N ALA A 166 2.34 -16.87 -10.00
CA ALA A 166 3.33 -17.17 -11.04
C ALA A 166 3.51 -15.98 -11.97
N ALA A 167 2.49 -15.63 -12.72
CA ALA A 167 2.65 -14.53 -13.64
C ALA A 167 3.25 -13.32 -12.96
N MET A 168 2.66 -12.93 -11.86
CA MET A 168 3.13 -11.78 -11.15
C MET A 168 4.60 -11.79 -10.87
N LEU A 169 5.11 -12.85 -10.29
CA LEU A 169 6.52 -12.92 -9.97
C LEU A 169 7.37 -12.88 -11.21
N ASP A 170 6.79 -13.26 -12.32
CA ASP A 170 7.49 -13.22 -13.56
C ASP A 170 7.77 -11.76 -13.80
N LEU A 171 6.67 -11.03 -13.94
CA LEU A 171 6.69 -9.60 -14.25
C LEU A 171 7.77 -8.85 -13.48
N VAL A 172 8.09 -9.27 -12.25
CA VAL A 172 9.08 -8.51 -11.50
C VAL A 172 10.50 -9.00 -11.77
N ALA A 173 10.66 -10.29 -12.09
CA ALA A 173 11.98 -10.79 -12.48
C ALA A 173 12.46 -10.11 -13.77
N ALA A 174 11.53 -9.81 -14.68
CA ALA A 174 11.85 -9.04 -15.87
C ALA A 174 12.38 -7.64 -15.58
N GLY A 175 12.46 -7.25 -14.31
CA GLY A 175 12.93 -5.93 -13.93
C GLY A 175 11.85 -4.86 -13.89
N ARG A 176 10.59 -5.23 -13.72
CA ARG A 176 9.48 -4.30 -13.80
C ARG A 176 8.90 -4.01 -12.42
N ILE A 177 8.32 -2.84 -12.30
CA ILE A 177 7.68 -2.45 -11.09
C ILE A 177 6.22 -2.35 -11.36
N PRO A 178 5.45 -3.41 -10.90
CA PRO A 178 4.02 -3.25 -11.13
C PRO A 178 3.41 -2.22 -10.21
N VAL A 179 2.45 -1.48 -10.73
CA VAL A 179 1.73 -0.48 -9.98
C VAL A 179 0.31 -1.00 -10.07
N VAL A 180 -0.19 -1.50 -8.97
CA VAL A 180 -1.51 -2.08 -8.93
C VAL A 180 -2.67 -1.21 -8.53
N SER A 181 -3.74 -1.25 -9.32
CA SER A 181 -4.96 -0.55 -9.05
C SER A 181 -5.83 -1.68 -8.60
N THR A 182 -6.41 -1.55 -7.42
CA THR A 182 -7.19 -2.61 -6.81
C THR A 182 -8.56 -3.02 -7.30
N LEU A 183 -8.68 -3.28 -8.57
CA LEU A 183 -9.89 -3.81 -9.16
C LEU A 183 -9.61 -5.20 -9.71
N ALA A 184 -10.54 -6.13 -9.52
CA ALA A 184 -10.35 -7.49 -10.01
C ALA A 184 -11.69 -8.12 -10.29
N PRO A 185 -11.75 -9.10 -11.19
CA PRO A 185 -13.00 -9.82 -11.43
C PRO A 185 -13.29 -10.84 -10.34
N ASP A 186 -14.58 -11.11 -10.15
CA ASP A 186 -14.99 -12.22 -9.29
C ASP A 186 -15.04 -13.48 -10.14
N ALA A 187 -15.57 -14.57 -9.57
CA ALA A 187 -15.56 -15.84 -10.29
C ALA A 187 -16.39 -15.78 -11.56
N ASP A 188 -17.30 -14.82 -11.68
CA ASP A 188 -18.20 -14.71 -12.82
C ASP A 188 -17.77 -13.62 -13.79
N GLY A 189 -16.59 -13.03 -13.62
CA GLY A 189 -16.14 -11.97 -14.49
C GLY A 189 -16.58 -10.57 -14.09
N VAL A 190 -17.28 -10.43 -12.97
CA VAL A 190 -17.82 -9.14 -12.56
C VAL A 190 -16.77 -8.41 -11.74
N VAL A 191 -16.28 -7.28 -12.27
CA VAL A 191 -15.18 -6.57 -11.64
C VAL A 191 -15.68 -5.86 -10.39
N HIS A 192 -14.90 -5.98 -9.30
CA HIS A 192 -15.15 -5.34 -8.02
C HIS A 192 -14.03 -4.36 -7.68
N ASN A 193 -14.33 -3.41 -6.79
CA ASN A 193 -13.32 -2.52 -6.23
C ASN A 193 -12.85 -3.07 -4.90
N ILE A 194 -11.55 -3.13 -4.70
CA ILE A 194 -10.96 -3.71 -3.48
C ILE A 194 -10.26 -2.59 -2.70
N ASN A 195 -10.50 -2.56 -1.38
CA ASN A 195 -9.75 -1.67 -0.48
C ASN A 195 -8.26 -1.84 -0.70
N ALA A 196 -7.56 -0.72 -0.93
CA ALA A 196 -6.17 -0.81 -1.35
C ALA A 196 -5.27 -1.33 -0.23
N ASP A 197 -5.60 -0.99 1.03
CA ASP A 197 -4.81 -1.49 2.15
C ASP A 197 -4.88 -3.01 2.23
N THR A 198 -6.09 -3.57 2.31
CA THR A 198 -6.23 -5.02 2.40
C THR A 198 -5.60 -5.71 1.20
N ALA A 199 -5.80 -5.14 0.00
CA ALA A 199 -5.22 -5.75 -1.19
C ALA A 199 -3.70 -5.81 -1.10
N ALA A 200 -3.08 -4.79 -0.51
CA ALA A 200 -1.63 -4.76 -0.40
C ALA A 200 -1.13 -5.88 0.48
N ALA A 201 -1.85 -6.15 1.58
CA ALA A 201 -1.48 -7.26 2.46
C ALA A 201 -1.66 -8.59 1.74
N ALA A 202 -2.70 -8.71 0.91
CA ALA A 202 -2.92 -9.96 0.20
C ALA A 202 -1.82 -10.22 -0.83
N VAL A 203 -1.48 -9.20 -1.62
CA VAL A 203 -0.41 -9.34 -2.60
C VAL A 203 0.90 -9.68 -1.90
N ALA A 204 1.21 -8.99 -0.80
CA ALA A 204 2.43 -9.23 -0.06
C ALA A 204 2.51 -10.68 0.40
N GLU A 205 1.44 -11.19 1.01
CA GLU A 205 1.44 -12.58 1.45
C GLU A 205 1.58 -13.55 0.28
N ALA A 206 0.84 -13.32 -0.80
CA ALA A 206 0.83 -14.29 -1.90
C ALA A 206 2.17 -14.32 -2.63
N LEU A 207 2.91 -13.21 -2.65
CA LEU A 207 4.18 -13.14 -3.34
C LEU A 207 5.37 -13.51 -2.47
N GLY A 208 5.17 -13.88 -1.21
CA GLY A 208 6.30 -14.14 -0.34
C GLY A 208 7.15 -12.90 -0.13
N ALA A 209 6.50 -11.74 -0.03
CA ALA A 209 7.23 -10.49 0.15
C ALA A 209 8.06 -10.53 1.42
N GLU A 210 9.23 -9.92 1.35
CA GLU A 210 10.05 -9.81 2.56
C GLU A 210 9.46 -8.77 3.51
N LYS A 211 8.97 -7.65 2.97
CA LYS A 211 8.39 -6.59 3.78
C LYS A 211 7.15 -6.04 3.09
N LEU A 212 6.21 -5.58 3.92
CA LEU A 212 5.10 -4.75 3.47
C LEU A 212 5.20 -3.41 4.19
N LEU A 213 5.22 -2.32 3.41
CA LEU A 213 5.21 -0.97 3.96
C LEU A 213 3.87 -0.33 3.66
N MET A 214 3.30 0.34 4.67
CA MET A 214 2.04 1.07 4.55
C MET A 214 2.32 2.56 4.77
N LEU A 215 2.36 3.35 3.70
CA LEU A 215 2.52 4.78 3.88
C LEU A 215 1.20 5.36 4.37
N THR A 216 1.26 6.07 5.50
CA THR A 216 0.07 6.71 6.06
C THR A 216 0.41 8.14 6.48
N ASP A 217 -0.63 8.87 6.90
CA ASP A 217 -0.46 10.26 7.34
C ASP A 217 -0.27 10.36 8.85
N ILE A 218 0.44 9.42 9.46
CA ILE A 218 0.65 9.37 10.91
C ILE A 218 2.15 9.26 11.18
N ASP A 219 2.57 9.72 12.38
CA ASP A 219 3.96 9.48 12.78
C ASP A 219 4.21 7.99 12.93
N GLY A 220 3.20 7.27 13.38
CA GLY A 220 3.29 5.84 13.62
C GLY A 220 2.12 5.42 14.48
N LEU A 221 2.13 4.16 14.85
CA LEU A 221 1.08 3.59 15.70
C LEU A 221 1.19 4.15 17.11
N TYR A 222 0.19 4.95 17.50
CA TYR A 222 0.01 5.33 18.90
C TYR A 222 -0.93 4.33 19.55
N THR A 223 -0.60 3.90 20.76
CA THR A 223 -1.48 2.96 21.45
C THR A 223 -2.61 3.71 22.15
N ARG A 224 -2.26 4.75 22.90
CA ARG A 224 -3.21 5.60 23.61
C ARG A 224 -3.17 6.99 23.00
N TRP A 225 -3.60 7.10 21.74
CA TRP A 225 -3.67 8.41 21.10
C TRP A 225 -4.66 9.28 21.88
N PRO A 226 -4.27 10.54 22.17
CA PRO A 226 -3.06 11.20 21.67
C PRO A 226 -1.94 11.41 22.68
N ASP A 227 -1.75 10.51 23.65
CA ASP A 227 -0.56 10.56 24.49
C ASP A 227 0.68 10.45 23.61
N ARG A 228 1.59 11.42 23.75
CA ARG A 228 2.85 11.36 23.03
C ARG A 228 3.67 10.14 23.45
N ASP A 229 3.67 9.82 24.75
CA ASP A 229 4.42 8.69 25.27
C ASP A 229 3.90 7.35 24.77
N SER A 230 2.78 7.30 24.05
CA SER A 230 2.15 6.04 23.66
C SER A 230 2.64 5.50 22.33
N LEU A 231 3.48 6.23 21.61
CA LEU A 231 3.99 5.77 20.34
C LEU A 231 5.02 4.66 20.55
N VAL A 232 5.01 3.66 19.66
CA VAL A 232 5.85 2.47 19.79
C VAL A 232 6.59 2.23 18.48
N SER A 233 7.80 1.66 18.58
CA SER A 233 8.62 1.37 17.42
C SER A 233 8.34 0.01 16.81
N GLU A 234 7.89 -0.94 17.63
CA GLU A 234 7.71 -2.32 17.22
C GLU A 234 6.64 -2.95 18.08
N ILE A 235 5.88 -3.88 17.48
CA ILE A 235 4.82 -4.58 18.21
C ILE A 235 4.57 -5.90 17.51
N ASP A 236 4.08 -6.89 18.27
CA ASP A 236 3.80 -8.20 17.70
C ASP A 236 2.31 -8.34 17.39
N THR A 237 1.99 -9.36 16.59
CA THR A 237 0.62 -9.52 16.11
C THR A 237 -0.35 -9.73 17.27
N GLY A 238 -0.01 -10.64 18.19
CA GLY A 238 -0.90 -10.90 19.31
C GLY A 238 -1.24 -9.63 20.07
N THR A 239 -0.22 -8.86 20.44
CA THR A 239 -0.46 -7.62 21.19
C THR A 239 -1.27 -6.64 20.34
N LEU A 240 -0.92 -6.51 19.07
CA LEU A 240 -1.61 -5.54 18.21
C LEU A 240 -3.05 -5.95 17.95
N ALA A 241 -3.29 -7.25 17.75
CA ALA A 241 -4.66 -7.72 17.52
C ALA A 241 -5.57 -7.36 18.69
N GLN A 242 -5.09 -7.51 19.93
CA GLN A 242 -5.90 -7.16 21.08
C GLN A 242 -6.18 -5.65 21.11
N LEU A 243 -5.20 -4.85 20.69
CA LEU A 243 -5.37 -3.40 20.71
C LEU A 243 -6.31 -2.91 19.61
N LEU A 244 -6.55 -3.73 18.59
CA LEU A 244 -7.29 -3.30 17.40
C LEU A 244 -8.62 -2.60 17.69
N PRO A 245 -9.50 -3.10 18.56
CA PRO A 245 -10.79 -2.40 18.77
C PRO A 245 -10.66 -1.00 19.34
N THR A 246 -9.46 -0.61 19.80
CA THR A 246 -9.24 0.65 20.51
C THR A 246 -8.94 1.81 19.58
N LEU A 247 -8.46 1.55 18.37
CA LEU A 247 -7.87 2.61 17.56
C LEU A 247 -8.91 3.32 16.70
N GLU A 248 -8.52 4.52 16.27
CA GLU A 248 -9.32 5.42 15.43
C GLU A 248 -9.80 4.75 14.16
N SER A 249 -10.75 5.37 13.47
CA SER A 249 -11.30 4.79 12.25
C SER A 249 -10.23 4.63 11.17
N GLY A 250 -9.32 5.60 11.06
CA GLY A 250 -8.41 5.62 9.92
C GLY A 250 -7.29 4.60 10.00
N MET A 251 -6.94 4.17 11.22
CA MET A 251 -5.86 3.24 11.42
C MET A 251 -6.29 1.78 11.35
N VAL A 252 -7.58 1.50 11.47
CA VAL A 252 -8.05 0.11 11.49
C VAL A 252 -7.60 -0.63 10.23
N PRO A 253 -7.90 -0.16 9.00
CA PRO A 253 -7.47 -0.93 7.83
C PRO A 253 -5.97 -1.11 7.72
N LYS A 254 -5.20 -0.06 8.01
CA LYS A 254 -3.74 -0.17 8.01
C LYS A 254 -3.26 -1.25 8.97
N VAL A 255 -3.84 -1.30 10.16
CA VAL A 255 -3.42 -2.29 11.15
C VAL A 255 -3.91 -3.68 10.77
N GLU A 256 -5.15 -3.78 10.29
CA GLU A 256 -5.67 -5.07 9.86
C GLU A 256 -4.79 -5.66 8.76
N ALA A 257 -4.37 -4.83 7.81
CA ALA A 257 -3.48 -5.31 6.75
C ALA A 257 -2.18 -5.85 7.33
N CYS A 258 -1.57 -5.08 8.25
CA CYS A 258 -0.33 -5.53 8.87
C CYS A 258 -0.52 -6.87 9.57
N LEU A 259 -1.66 -7.05 10.23
CA LEU A 259 -1.92 -8.29 10.94
C LEU A 259 -2.01 -9.47 9.97
N ARG A 260 -2.80 -9.33 8.92
CA ARG A 260 -2.97 -10.45 7.99
C ARG A 260 -1.69 -10.75 7.23
N ALA A 261 -0.92 -9.72 6.89
CA ALA A 261 0.35 -9.94 6.20
C ALA A 261 1.33 -10.72 7.07
N VAL A 262 1.63 -10.19 8.26
CA VAL A 262 2.62 -10.82 9.14
C VAL A 262 2.13 -12.20 9.59
N ILE A 263 0.83 -12.33 9.89
CA ILE A 263 0.32 -13.65 10.23
C ILE A 263 0.38 -14.57 9.01
N GLY A 264 0.19 -14.01 7.82
CA GLY A 264 0.34 -14.80 6.61
C GLY A 264 1.77 -15.21 6.30
N GLY A 265 2.75 -14.80 7.10
CA GLY A 265 4.12 -15.21 6.90
C GLY A 265 5.06 -14.13 6.39
N VAL A 266 4.56 -12.95 6.07
CA VAL A 266 5.46 -11.86 5.67
C VAL A 266 6.30 -11.46 6.88
N PRO A 267 7.64 -11.45 6.76
CA PRO A 267 8.48 -11.27 7.97
C PRO A 267 8.18 -10.01 8.77
N SER A 268 7.97 -8.86 8.14
CA SER A 268 7.53 -7.70 8.92
C SER A 268 6.73 -6.74 8.04
N ALA A 269 5.71 -6.13 8.64
CA ALA A 269 4.96 -5.03 8.04
C ALA A 269 5.24 -3.75 8.81
N HIS A 270 5.19 -2.63 8.10
CA HIS A 270 5.61 -1.35 8.68
C HIS A 270 4.56 -0.30 8.37
N ILE A 271 4.18 0.46 9.38
CA ILE A 271 3.34 1.64 9.21
C ILE A 271 4.27 2.84 9.31
N ILE A 272 4.54 3.49 8.17
CA ILE A 272 5.49 4.60 8.11
C ILE A 272 4.77 5.87 7.68
N ASP A 273 5.42 7.01 7.93
CA ASP A 273 4.82 8.34 7.75
C ASP A 273 5.03 8.77 6.30
N GLY A 274 3.94 8.80 5.53
CA GLY A 274 4.04 9.20 4.14
C GLY A 274 4.35 10.68 3.94
N ARG A 275 4.26 11.49 4.99
CA ARG A 275 4.50 12.92 4.89
C ARG A 275 5.99 13.27 4.99
N VAL A 276 6.85 12.30 5.27
CA VAL A 276 8.29 12.51 5.31
C VAL A 276 8.85 12.21 3.92
N THR A 277 9.60 13.15 3.37
CA THR A 277 10.25 12.93 2.08
C THR A 277 11.14 11.70 2.15
N HIS A 278 11.00 10.83 1.13
CA HIS A 278 11.79 9.60 1.02
C HIS A 278 11.58 8.70 2.22
N CYS A 279 10.36 8.66 2.76
CA CYS A 279 10.12 7.83 3.94
C CYS A 279 10.54 6.39 3.71
N VAL A 280 10.32 5.85 2.51
CA VAL A 280 10.68 4.45 2.28
C VAL A 280 12.18 4.24 2.40
N LEU A 281 13.00 5.16 1.87
CA LEU A 281 14.44 5.06 2.07
C LEU A 281 14.77 5.07 3.55
N VAL A 282 14.03 5.87 4.32
CA VAL A 282 14.30 5.95 5.75
C VAL A 282 13.92 4.66 6.45
N GLU A 283 12.73 4.12 6.15
CA GLU A 283 12.32 2.91 6.85
C GLU A 283 13.18 1.71 6.46
N LEU A 284 13.70 1.68 5.23
CA LEU A 284 14.38 0.47 4.76
C LEU A 284 15.88 0.47 5.03
N PHE A 285 16.55 1.62 4.89
CA PHE A 285 18.01 1.66 4.88
C PHE A 285 18.62 2.42 6.05
N THR A 286 17.84 2.67 7.10
CA THR A 286 18.22 3.53 8.20
C THR A 286 17.62 2.95 9.47
N ASP A 287 18.26 3.17 10.62
CA ASP A 287 17.71 2.71 11.89
C ASP A 287 16.93 3.80 12.63
N ALA A 288 16.52 4.86 11.92
CA ALA A 288 15.98 6.06 12.54
C ALA A 288 14.54 6.34 12.15
N GLY A 289 13.85 5.36 11.57
CA GLY A 289 12.47 5.58 11.16
C GLY A 289 11.55 5.77 12.33
N THR A 290 10.59 6.68 12.17
CA THR A 290 9.52 6.84 13.15
C THR A 290 8.41 5.82 12.98
N GLY A 291 8.38 5.08 11.88
CA GLY A 291 7.36 4.08 11.68
C GLY A 291 7.32 3.07 12.80
N THR A 292 6.35 2.17 12.73
CA THR A 292 6.24 1.09 13.70
C THR A 292 6.21 -0.24 12.97
N LYS A 293 7.12 -1.14 13.38
CA LYS A 293 7.33 -2.42 12.74
C LYS A 293 6.49 -3.49 13.42
N VAL A 294 5.78 -4.29 12.63
CA VAL A 294 4.96 -5.39 13.13
C VAL A 294 5.64 -6.72 12.82
N VAL A 295 5.78 -7.59 13.83
CA VAL A 295 6.32 -8.94 13.68
C VAL A 295 5.42 -9.94 14.40
N ARG A 296 5.61 -11.24 14.11
CA ARG A 296 4.71 -12.24 14.66
C ARG A 296 5.07 -12.60 16.10
N GLY A 297 4.08 -13.06 16.83
CA GLY A 297 4.26 -13.46 18.21
C GLY A 297 2.96 -13.45 19.02
#